data_4YVN
#
_entry.id   4YVN
#
_cell.length_a   101.993
_cell.length_b   101.993
_cell.length_c   135.791
_cell.angle_alpha   90.00
_cell.angle_beta   90.00
_cell.angle_gamma   120.00
#
_symmetry.space_group_name_H-M   'P 31 2 1'
#
loop_
_entity.id
_entity.type
_entity.pdbx_description
1 polymer 'Spore coat protein A'
2 non-polymer 'COPPER (II) ION'
3 non-polymer 3-ETHYL-2-[(2Z)-2-(3-ETHYL-6-SULFO-1,3-BENZOTHIAZOL-2(3H)-YLIDENE)HYDRAZINO]-6-SULFO-3H-1,3-BENZOTHIAZOL-1-IUM
4 non-polymer 1,2-ETHANEDIOL
5 non-polymer GLYCEROL
6 water water
#
_entity_poly.entity_id   1
_entity_poly.type   'polypeptide(L)'
_entity_poly.pdbx_seq_one_letter_code
;MTLEKFVDALPIPDTLKPVQQSKEKTYYEVTMEECTHQLHRDLPPTRLWGYNGLFPGPTIEVKRNENVYVKWMNNLPSTH
FLPIDHTIHHSDSQHEEPEVKTVVHLHGGVTPDDSDGYPEAWFSKDFEQTGPYFKREVYHYPNQQRGAILWYHDHAMALT
RLNVYAGLVGAYIIHDPKEKRLKLPSDEYDVPLLITDRTINEDGSLFYPSAPENPSPSLPNPSIVPAFCGETILVNGKVW
PYLEVEPRKYRFRVINASNTRTYNLSLDNGGDFIQIGSDGGLLPRSVKLNSFSLAPAERYDIIIDFTAYEGESIILANSA
GCGGDVNPETDANIMQFRVTKPLAQKDESRKPKYLASYPSVQHERIQNIRTLKLAGTQDEYGRPVLLLNNKRWHDPVTET
PKVGTTEIWSIINPTRGTHPIHLHLVSFRVLDRRPFDIARYQESGELSYTGPAVPPPPSEKGWKDTIQAHAGEVLRIAAT
FGPYSGRYVWHCHILEHEDYDMMRPMDITDPHK
;
_entity_poly.pdbx_strand_id   A
#
# COMPACT_ATOMS: atom_id res chain seq x y z
N THR A 2 12.93 25.44 -1.12
CA THR A 2 13.09 24.89 0.27
C THR A 2 11.82 25.15 1.11
N LEU A 3 10.93 24.17 1.21
CA LEU A 3 9.55 24.40 1.71
C LEU A 3 9.42 24.32 3.23
N GLU A 4 8.85 25.37 3.80
CA GLU A 4 8.73 25.48 5.22
C GLU A 4 7.77 24.42 5.76
N LYS A 5 8.25 23.69 6.76
CA LYS A 5 7.48 22.60 7.36
C LYS A 5 6.37 23.09 8.29
N PHE A 6 5.29 22.34 8.28
CA PHE A 6 4.18 22.53 9.22
C PHE A 6 3.50 23.88 9.13
N VAL A 7 3.19 24.29 7.91
CA VAL A 7 2.43 25.50 7.66
C VAL A 7 1.04 25.27 7.07
N ASP A 8 0.74 24.05 6.62
CA ASP A 8 -0.63 23.71 6.17
C ASP A 8 -1.28 22.67 7.08
N ALA A 9 -2.56 22.87 7.39
CA ALA A 9 -3.37 21.91 8.14
C ALA A 9 -3.53 20.62 7.33
N LEU A 10 -3.52 19.49 8.01
CA LEU A 10 -3.77 18.19 7.39
C LEU A 10 -5.16 18.07 6.81
N PRO A 11 -5.29 17.80 5.49
CA PRO A 11 -6.65 17.56 5.00
C PRO A 11 -7.10 16.20 5.48
N ILE A 12 -8.40 16.07 5.72
CA ILE A 12 -9.02 14.79 5.99
C ILE A 12 -10.02 14.56 4.87
N PRO A 13 -9.74 13.60 4.00
CA PRO A 13 -10.64 13.39 2.87
C PRO A 13 -12.08 13.17 3.30
N ASP A 14 -13.01 13.80 2.61
CA ASP A 14 -14.42 13.48 2.88
C ASP A 14 -14.73 12.02 2.57
N THR A 15 -15.73 11.51 3.28
CA THR A 15 -16.27 10.21 3.09
C THR A 15 -17.17 10.26 1.84
N LEU A 16 -16.87 9.40 0.88
CA LEU A 16 -17.70 9.27 -0.33
C LEU A 16 -19.13 8.93 0.02
N LYS A 17 -20.07 9.63 -0.61
CA LYS A 17 -21.48 9.30 -0.54
C LYS A 17 -21.94 8.42 -1.71
N PRO A 18 -22.79 7.44 -1.41
CA PRO A 18 -23.39 6.58 -2.43
C PRO A 18 -24.27 7.32 -3.44
N VAL A 19 -24.21 6.91 -4.69
CA VAL A 19 -25.17 7.36 -5.68
C VAL A 19 -26.55 6.73 -5.38
N GLN A 20 -26.57 5.50 -4.92
CA GLN A 20 -27.78 4.81 -4.54
C GLN A 20 -27.44 3.88 -3.40
N GLN A 21 -28.36 3.73 -2.47
CA GLN A 21 -28.14 2.86 -1.34
C GLN A 21 -29.46 2.30 -0.84
N SER A 22 -29.47 1.00 -0.55
CA SER A 22 -30.58 0.34 0.10
C SER A 22 -29.99 -0.67 1.06
N LYS A 23 -30.86 -1.43 1.72
CA LYS A 23 -30.39 -2.43 2.65
C LYS A 23 -29.70 -3.58 1.88
N GLU A 24 -30.05 -3.79 0.62
CA GLU A 24 -29.49 -4.89 -0.16
C GLU A 24 -28.20 -4.52 -0.89
N LYS A 25 -27.99 -3.24 -1.17
CA LYS A 25 -26.97 -2.85 -2.11
C LYS A 25 -26.53 -1.43 -1.89
N THR A 26 -25.24 -1.19 -1.97
CA THR A 26 -24.72 0.20 -1.93
C THR A 26 -23.94 0.45 -3.16
N TYR A 27 -24.30 1.50 -3.91
CA TYR A 27 -23.70 1.74 -5.23
C TYR A 27 -22.96 3.09 -5.29
N TYR A 28 -21.68 3.05 -5.67
CA TYR A 28 -20.85 4.26 -5.77
C TYR A 28 -20.35 4.49 -7.18
N GLU A 29 -20.07 5.75 -7.48
CA GLU A 29 -19.38 6.10 -8.68
C GLU A 29 -18.18 6.94 -8.40
N VAL A 30 -17.07 6.55 -9.02
CA VAL A 30 -15.84 7.32 -8.88
C VAL A 30 -15.20 7.52 -10.24
N THR A 31 -14.88 8.76 -10.55
CA THR A 31 -14.34 9.12 -11.82
C THR A 31 -12.96 9.67 -11.67
N MET A 32 -12.01 9.07 -12.37
CA MET A 32 -10.63 9.56 -12.44
C MET A 32 -10.55 10.83 -13.31
N GLU A 33 -10.03 11.93 -12.74
CA GLU A 33 -9.98 13.21 -13.43
C GLU A 33 -8.65 13.89 -13.29
N GLU A 34 -8.24 14.61 -14.33
CA GLU A 34 -7.06 15.49 -14.19
C GLU A 34 -7.60 16.65 -13.38
N CYS A 35 -6.83 17.10 -12.39
CA CYS A 35 -7.31 18.17 -11.52
C CYS A 35 -6.10 18.96 -11.05
N THR A 36 -6.34 20.04 -10.32
CA THR A 36 -5.23 20.79 -9.77
C THR A 36 -5.48 21.13 -8.32
N HIS A 37 -4.48 20.96 -7.48
CA HIS A 37 -4.61 21.33 -6.07
C HIS A 37 -3.24 21.82 -5.60
N GLN A 38 -3.25 22.66 -4.59
CA GLN A 38 -2.03 23.20 -4.02
C GLN A 38 -1.55 22.22 -2.95
N LEU A 39 -0.29 21.85 -3.02
CA LEU A 39 0.29 20.86 -2.13
C LEU A 39 1.00 21.50 -0.93
N HIS A 40 1.32 22.80 -1.03
CA HIS A 40 1.97 23.56 0.04
C HIS A 40 1.60 25.05 -0.10
N ARG A 41 1.44 25.73 1.05
CA ARG A 41 1.18 27.19 1.10
C ARG A 41 1.93 28.02 0.04
N ASP A 42 3.21 27.71 -0.17
CA ASP A 42 4.08 28.50 -1.00
C ASP A 42 4.31 27.93 -2.39
N LEU A 43 3.53 26.93 -2.81
CA LEU A 43 3.66 26.39 -4.16
C LEU A 43 2.47 26.80 -5.00
N PRO A 44 2.71 27.10 -6.30
CA PRO A 44 1.57 27.18 -7.19
C PRO A 44 0.90 25.81 -7.29
N PRO A 45 -0.36 25.80 -7.73
CA PRO A 45 -1.16 24.59 -7.77
C PRO A 45 -0.55 23.55 -8.68
N THR A 46 -0.69 22.29 -8.28
CA THR A 46 -0.12 21.15 -8.99
C THR A 46 -1.16 20.38 -9.81
N ARG A 47 -0.81 20.06 -11.07
CA ARG A 47 -1.60 19.16 -11.93
C ARG A 47 -1.52 17.71 -11.42
N LEU A 48 -2.66 17.07 -11.30
CA LEU A 48 -2.71 15.77 -10.68
C LEU A 48 -3.78 14.92 -11.35
N TRP A 49 -3.71 13.63 -11.12
CA TRP A 49 -4.82 12.75 -11.47
C TRP A 49 -5.46 12.28 -10.18
N GLY A 50 -6.75 12.50 -10.07
CA GLY A 50 -7.45 12.27 -8.85
C GLY A 50 -8.78 11.53 -8.98
N TYR A 51 -9.02 10.60 -8.07
CA TYR A 51 -10.32 9.97 -7.95
C TYR A 51 -11.34 11.05 -7.52
N ASN A 52 -12.38 11.19 -8.34
CA ASN A 52 -13.32 12.30 -8.29
C ASN A 52 -12.66 13.66 -8.21
N GLY A 53 -11.52 13.84 -8.84
CA GLY A 53 -10.85 15.15 -8.81
C GLY A 53 -10.13 15.50 -7.51
N LEU A 54 -9.86 14.49 -6.66
CA LEU A 54 -9.30 14.75 -5.32
C LEU A 54 -8.05 13.93 -5.12
N PHE A 55 -7.09 14.52 -4.39
CA PHE A 55 -5.85 13.84 -4.01
C PHE A 55 -5.53 13.99 -2.51
N PRO A 56 -5.59 12.90 -1.75
CA PRO A 56 -6.07 11.60 -2.14
C PRO A 56 -7.56 11.57 -2.50
N GLY A 57 -7.99 10.41 -2.98
CA GLY A 57 -9.38 10.19 -3.30
C GLY A 57 -10.24 10.23 -2.06
N PRO A 58 -11.55 10.28 -2.26
CA PRO A 58 -12.38 10.24 -1.09
C PRO A 58 -12.23 8.95 -0.34
N THR A 59 -12.40 9.05 0.95
CA THR A 59 -12.38 7.89 1.77
C THR A 59 -13.73 7.20 1.63
N ILE A 60 -13.65 5.90 1.46
CA ILE A 60 -14.83 5.05 1.36
C ILE A 60 -14.97 4.25 2.63
N GLU A 61 -16.17 4.29 3.22
CA GLU A 61 -16.45 3.62 4.46
C GLU A 61 -17.57 2.60 4.28
N VAL A 62 -17.31 1.35 4.68
CA VAL A 62 -18.28 0.28 4.51
C VAL A 62 -18.37 -0.55 5.79
N LYS A 63 -19.47 -1.28 5.93
CA LYS A 63 -19.54 -2.31 6.98
C LYS A 63 -19.13 -3.68 6.49
N ARG A 64 -18.67 -4.50 7.42
CA ARG A 64 -18.46 -5.87 7.10
C ARG A 64 -19.73 -6.46 6.50
N ASN A 65 -19.55 -7.26 5.44
CA ASN A 65 -20.64 -7.87 4.65
C ASN A 65 -21.59 -6.90 3.96
N GLU A 66 -21.23 -5.64 3.88
CA GLU A 66 -22.07 -4.70 3.13
C GLU A 66 -21.81 -4.99 1.66
N ASN A 67 -22.91 -5.03 0.90
CA ASN A 67 -22.87 -5.46 -0.49
C ASN A 67 -22.59 -4.25 -1.36
N VAL A 68 -21.31 -4.02 -1.66
CA VAL A 68 -20.88 -2.76 -2.28
C VAL A 68 -20.50 -2.94 -3.77
N TYR A 69 -20.84 -1.93 -4.54
CA TYR A 69 -20.54 -1.80 -5.96
C TYR A 69 -19.92 -0.42 -6.20
N VAL A 70 -18.80 -0.39 -6.91
CA VAL A 70 -18.16 0.83 -7.32
C VAL A 70 -17.87 0.79 -8.83
N LYS A 71 -18.46 1.72 -9.54
CA LYS A 71 -18.15 1.90 -10.96
C LYS A 71 -17.00 2.85 -11.04
N TRP A 72 -15.80 2.32 -11.21
CA TRP A 72 -14.62 3.13 -11.38
C TRP A 72 -14.54 3.53 -12.85
N MET A 73 -14.52 4.84 -13.13
CA MET A 73 -14.52 5.34 -14.49
C MET A 73 -13.27 6.17 -14.75
N ASN A 74 -12.82 6.11 -16.02
CA ASN A 74 -11.66 6.85 -16.48
C ASN A 74 -12.16 8.04 -17.33
N ASN A 75 -11.86 9.26 -16.87
CA ASN A 75 -12.14 10.47 -17.64
C ASN A 75 -10.87 11.27 -17.79
N LEU A 76 -9.82 10.54 -18.09
CA LEU A 76 -8.50 11.11 -18.13
C LEU A 76 -8.17 11.49 -19.57
N PRO A 77 -7.17 12.33 -19.76
CA PRO A 77 -6.59 12.66 -21.04
C PRO A 77 -5.96 11.47 -21.66
N SER A 78 -5.82 11.54 -23.00
CA SER A 78 -5.34 10.44 -23.79
C SER A 78 -3.84 10.37 -23.78
N THR A 79 -3.19 11.41 -23.24
CA THR A 79 -1.74 11.42 -23.07
C THR A 79 -1.37 11.66 -21.57
N HIS A 80 -0.31 11.01 -21.10
CA HIS A 80 0.14 11.07 -19.72
C HIS A 80 0.95 12.34 -19.58
N PHE A 81 0.98 12.91 -18.39
CA PHE A 81 1.87 14.05 -18.07
C PHE A 81 3.16 13.59 -17.45
N LEU A 82 3.26 12.31 -17.13
CA LEU A 82 4.50 11.77 -16.58
C LEU A 82 5.20 10.91 -17.65
N PRO A 83 6.52 10.67 -17.50
CA PRO A 83 7.26 9.98 -18.54
C PRO A 83 6.94 8.49 -18.70
N ILE A 84 6.37 8.13 -19.84
CA ILE A 84 6.08 6.73 -20.16
C ILE A 84 7.27 6.06 -20.85
N ASP A 85 7.72 4.93 -20.31
CA ASP A 85 8.75 4.13 -20.97
C ASP A 85 8.03 3.11 -21.82
N HIS A 86 8.18 3.24 -23.14
CA HIS A 86 7.48 2.35 -24.08
C HIS A 86 8.19 1.04 -24.36
N THR A 87 9.36 0.80 -23.77
CA THR A 87 10.12 -0.42 -24.01
C THR A 87 9.78 -1.57 -23.03
N ILE A 88 9.13 -1.26 -21.91
CA ILE A 88 8.95 -2.29 -20.90
C ILE A 88 7.77 -3.23 -21.20
N HIS A 89 6.86 -2.89 -22.10
CA HIS A 89 5.77 -3.80 -22.46
C HIS A 89 5.42 -3.69 -23.94
N HIS A 90 4.88 -4.76 -24.52
CA HIS A 90 4.31 -4.81 -25.90
C HIS A 90 5.41 -5.26 -26.85
N GLU A 96 -3.51 -2.42 -31.30
CA GLU A 96 -2.85 -1.20 -30.83
C GLU A 96 -3.51 -0.53 -29.61
N GLU A 97 -2.72 -0.34 -28.57
CA GLU A 97 -3.23 0.04 -27.27
C GLU A 97 -3.18 1.54 -26.99
N PRO A 98 -4.11 2.02 -26.19
CA PRO A 98 -4.02 3.42 -25.74
C PRO A 98 -2.80 3.65 -24.83
N GLU A 99 -2.27 4.85 -24.84
CA GLU A 99 -1.14 5.18 -23.99
C GLU A 99 -1.58 5.19 -22.50
N VAL A 100 -2.78 5.74 -22.22
CA VAL A 100 -3.25 5.90 -20.88
C VAL A 100 -4.26 4.83 -20.62
N LYS A 101 -3.98 3.97 -19.64
CA LYS A 101 -4.87 2.90 -19.22
C LYS A 101 -4.92 2.88 -17.69
N THR A 102 -6.03 2.43 -17.14
CA THR A 102 -6.25 2.46 -15.72
C THR A 102 -7.05 1.28 -15.28
N VAL A 103 -6.91 0.93 -14.00
CA VAL A 103 -7.71 -0.11 -13.35
C VAL A 103 -7.51 0.03 -11.83
N VAL A 104 -8.58 -0.07 -11.05
CA VAL A 104 -8.48 0.14 -9.60
C VAL A 104 -8.39 -1.18 -8.87
N HIS A 105 -7.36 -1.35 -8.03
CA HIS A 105 -7.24 -2.48 -7.10
C HIS A 105 -7.60 -2.02 -5.70
N LEU A 106 -8.57 -2.68 -5.08
CA LEU A 106 -8.90 -2.49 -3.70
C LEU A 106 -7.96 -3.37 -2.88
N HIS A 107 -6.87 -2.75 -2.47
CA HIS A 107 -5.79 -3.46 -1.82
C HIS A 107 -6.19 -4.03 -0.47
N GLY A 108 -6.09 -5.35 -0.34
CA GLY A 108 -6.63 -6.06 0.82
C GLY A 108 -8.04 -6.59 0.64
N GLY A 109 -8.70 -6.24 -0.46
CA GLY A 109 -10.10 -6.65 -0.64
C GLY A 109 -10.25 -8.16 -0.81
N VAL A 110 -11.22 -8.74 -0.14
CA VAL A 110 -11.60 -10.15 -0.36
C VAL A 110 -12.64 -10.01 -1.49
N THR A 111 -12.16 -10.16 -2.71
CA THR A 111 -12.83 -9.66 -3.91
C THR A 111 -12.83 -10.69 -5.06
N PRO A 112 -14.00 -10.90 -5.68
CA PRO A 112 -13.99 -11.75 -6.90
C PRO A 112 -12.99 -11.24 -7.95
N ASP A 113 -12.37 -12.15 -8.68
CA ASP A 113 -11.21 -11.82 -9.47
C ASP A 113 -11.43 -10.75 -10.56
N ASP A 114 -12.64 -10.70 -11.12
CA ASP A 114 -12.96 -9.70 -12.14
C ASP A 114 -13.27 -8.32 -11.55
N SER A 115 -13.31 -8.24 -10.21
CA SER A 115 -13.40 -6.96 -9.49
C SER A 115 -12.10 -6.62 -8.74
N ASP A 116 -11.02 -7.38 -8.99
CA ASP A 116 -9.80 -7.22 -8.18
C ASP A 116 -8.85 -6.19 -8.74
N GLY A 117 -9.11 -5.73 -9.96
CA GLY A 117 -8.16 -4.78 -10.59
C GLY A 117 -6.95 -5.44 -11.20
N TYR A 118 -7.17 -6.56 -11.88
CA TYR A 118 -6.11 -7.21 -12.61
C TYR A 118 -5.44 -6.26 -13.58
N PRO A 119 -4.12 -6.33 -13.68
CA PRO A 119 -3.39 -5.34 -14.42
C PRO A 119 -3.71 -5.29 -15.91
N GLU A 120 -4.16 -6.41 -16.43
CA GLU A 120 -4.62 -6.54 -17.82
C GLU A 120 -6.15 -6.46 -17.97
N ALA A 121 -6.85 -6.06 -16.90
CA ALA A 121 -8.24 -5.66 -16.93
C ALA A 121 -8.43 -4.13 -17.02
N TRP A 122 -7.41 -3.43 -17.51
CA TRP A 122 -7.45 -2.00 -17.73
C TRP A 122 -8.46 -1.46 -18.73
N PHE A 123 -8.68 -0.14 -18.67
CA PHE A 123 -9.57 0.55 -19.56
C PHE A 123 -9.10 1.98 -19.80
N SER A 124 -9.45 2.49 -20.99
CA SER A 124 -9.15 3.86 -21.36
C SER A 124 -10.39 4.66 -21.06
N LYS A 125 -10.37 5.95 -21.38
CA LYS A 125 -11.51 6.79 -21.10
C LYS A 125 -12.83 6.19 -21.62
N ASP A 126 -13.86 6.22 -20.76
CA ASP A 126 -15.19 5.72 -21.01
C ASP A 126 -15.19 4.23 -21.44
N PHE A 127 -14.15 3.48 -21.09
CA PHE A 127 -14.07 2.06 -21.43
C PHE A 127 -14.04 1.82 -22.96
N GLU A 128 -13.56 2.82 -23.68
CA GLU A 128 -13.50 2.74 -25.15
C GLU A 128 -12.68 1.55 -25.59
N GLN A 129 -11.50 1.41 -25.00
CA GLN A 129 -10.72 0.20 -25.16
C GLN A 129 -10.48 -0.45 -23.81
N THR A 130 -10.45 -1.78 -23.82
CA THR A 130 -10.27 -2.56 -22.62
C THR A 130 -9.25 -3.64 -22.78
N GLY A 131 -8.52 -3.97 -21.72
CA GLY A 131 -7.49 -5.02 -21.78
C GLY A 131 -8.05 -6.42 -21.92
N PRO A 132 -7.19 -7.40 -22.17
CA PRO A 132 -7.64 -8.75 -22.51
C PRO A 132 -8.32 -9.50 -21.37
N TYR A 133 -8.11 -9.05 -20.12
CA TYR A 133 -8.79 -9.66 -19.00
C TYR A 133 -9.91 -8.83 -18.38
N PHE A 134 -10.26 -7.70 -19.00
CA PHE A 134 -11.42 -6.93 -18.60
C PHE A 134 -12.68 -7.76 -18.75
N LYS A 135 -13.57 -7.67 -17.75
CA LYS A 135 -14.89 -8.28 -17.83
C LYS A 135 -16.01 -7.33 -17.46
N ARG A 136 -15.79 -6.36 -16.58
CA ARG A 136 -16.92 -5.52 -16.05
C ARG A 136 -16.54 -4.09 -15.74
N GLU A 137 -17.49 -3.20 -15.86
CA GLU A 137 -17.36 -1.79 -15.49
C GLU A 137 -17.54 -1.51 -13.97
N VAL A 138 -18.49 -2.20 -13.37
CA VAL A 138 -18.91 -2.00 -12.00
C VAL A 138 -18.34 -3.08 -11.13
N TYR A 139 -17.34 -2.70 -10.35
CA TYR A 139 -16.70 -3.65 -9.46
C TYR A 139 -17.58 -3.95 -8.28
N HIS A 140 -17.46 -5.18 -7.81
CA HIS A 140 -18.26 -5.72 -6.72
C HIS A 140 -17.36 -6.10 -5.52
N TYR A 141 -17.67 -5.54 -4.35
CA TYR A 141 -16.91 -5.76 -3.11
C TYR A 141 -17.89 -6.27 -2.06
N PRO A 142 -17.96 -7.58 -1.89
CA PRO A 142 -18.94 -8.09 -0.93
C PRO A 142 -18.53 -7.83 0.53
N ASN A 143 -17.25 -7.55 0.76
CA ASN A 143 -16.75 -7.18 2.07
C ASN A 143 -16.95 -8.25 3.14
N GLN A 144 -16.78 -9.51 2.77
CA GLN A 144 -16.94 -10.64 3.72
C GLN A 144 -15.60 -10.95 4.29
N GLN A 145 -15.19 -10.04 5.16
CA GLN A 145 -13.88 -10.07 5.70
C GLN A 145 -13.90 -9.21 6.99
N ARG A 146 -12.90 -9.46 7.82
CA ARG A 146 -12.70 -8.72 9.05
C ARG A 146 -12.55 -7.23 8.78
N GLY A 147 -13.01 -6.43 9.71
CA GLY A 147 -12.80 -4.98 9.66
C GLY A 147 -11.30 -4.69 9.57
N ALA A 148 -10.95 -3.77 8.70
CA ALA A 148 -9.56 -3.39 8.49
C ALA A 148 -9.42 -2.11 7.67
N ILE A 149 -8.19 -1.64 7.61
CA ILE A 149 -7.78 -0.56 6.76
C ILE A 149 -7.40 -1.12 5.39
N LEU A 150 -8.21 -0.83 4.38
CA LEU A 150 -7.82 -1.12 3.00
C LEU A 150 -7.47 0.21 2.33
N TRP A 151 -6.99 0.15 1.09
CA TRP A 151 -6.83 1.33 0.31
C TRP A 151 -6.95 0.96 -1.15
N TYR A 152 -7.31 1.94 -1.97
CA TYR A 152 -7.49 1.71 -3.36
C TYR A 152 -6.54 2.55 -4.16
N HIS A 153 -6.12 1.99 -5.30
CA HIS A 153 -5.11 2.65 -6.15
C HIS A 153 -5.04 2.02 -7.51
N ASP A 154 -4.46 2.73 -8.46
CA ASP A 154 -4.35 2.20 -9.78
C ASP A 154 -3.46 0.98 -9.84
N HIS A 155 -3.73 0.12 -10.80
CA HIS A 155 -2.94 -1.10 -10.94
C HIS A 155 -2.68 -1.49 -12.41
N ALA A 156 -2.76 -0.55 -13.34
CA ALA A 156 -2.65 -0.86 -14.76
C ALA A 156 -1.28 -1.36 -15.18
N MET A 157 -1.27 -2.41 -16.00
CA MET A 157 -0.03 -2.93 -16.62
C MET A 157 0.94 -1.85 -17.09
N ALA A 158 2.17 -1.89 -16.57
CA ALA A 158 3.31 -1.06 -17.07
C ALA A 158 3.19 0.44 -16.73
N LEU A 159 2.11 0.81 -16.05
CA LEU A 159 1.85 2.21 -15.73
C LEU A 159 1.58 2.47 -14.23
N THR A 160 1.66 1.47 -13.37
CA THR A 160 1.18 1.56 -11.97
C THR A 160 2.01 2.62 -11.22
N ARG A 161 3.32 2.61 -11.42
CA ARG A 161 4.17 3.57 -10.75
C ARG A 161 3.78 5.00 -11.14
N LEU A 162 3.35 5.20 -12.39
CA LEU A 162 3.05 6.53 -12.88
C LEU A 162 1.68 6.98 -12.42
N ASN A 163 0.69 6.09 -12.57
CA ASN A 163 -0.66 6.42 -12.26
C ASN A 163 -0.85 6.65 -10.75
N VAL A 164 -0.16 5.89 -9.91
CA VAL A 164 -0.22 6.11 -8.49
C VAL A 164 0.51 7.42 -8.13
N TYR A 165 1.69 7.62 -8.70
CA TYR A 165 2.44 8.82 -8.40
C TYR A 165 1.67 10.05 -8.81
N ALA A 166 0.90 9.92 -9.86
CA ALA A 166 0.03 11.02 -10.29
C ALA A 166 -1.04 11.42 -9.33
N GLY A 167 -1.42 10.52 -8.40
CA GLY A 167 -2.37 10.84 -7.34
C GLY A 167 -3.54 9.88 -7.16
N LEU A 168 -3.48 8.74 -7.86
CA LEU A 168 -4.57 7.77 -7.81
C LEU A 168 -4.43 6.77 -6.62
N VAL A 169 -4.76 7.28 -5.44
CA VAL A 169 -4.75 6.55 -4.16
C VAL A 169 -5.87 7.10 -3.30
N GLY A 170 -6.42 6.24 -2.42
CA GLY A 170 -7.54 6.60 -1.55
C GLY A 170 -7.68 5.55 -0.48
N ALA A 171 -8.37 5.88 0.64
CA ALA A 171 -8.51 4.94 1.72
C ALA A 171 -9.89 4.30 1.60
N TYR A 172 -9.99 3.05 2.07
CA TYR A 172 -11.25 2.36 2.12
C TYR A 172 -11.26 1.60 3.46
N ILE A 173 -12.19 1.96 4.34
CA ILE A 173 -12.21 1.37 5.67
C ILE A 173 -13.39 0.43 5.81
N ILE A 174 -13.14 -0.78 6.27
CA ILE A 174 -14.22 -1.72 6.65
C ILE A 174 -14.39 -1.70 8.16
N HIS A 175 -15.60 -1.34 8.58
CA HIS A 175 -16.02 -1.35 9.98
C HIS A 175 -16.82 -2.63 10.25
N ASP A 176 -16.42 -3.33 11.28
CA ASP A 176 -17.12 -4.47 11.78
C ASP A 176 -17.89 -4.03 13.04
N PRO A 177 -19.23 -4.13 13.04
CA PRO A 177 -20.06 -3.72 14.18
C PRO A 177 -19.64 -4.37 15.48
N LYS A 178 -19.07 -5.55 15.40
CA LYS A 178 -18.48 -6.20 16.53
C LYS A 178 -17.32 -5.43 17.22
N GLU A 179 -16.54 -4.65 16.48
CA GLU A 179 -15.48 -3.83 17.06
C GLU A 179 -16.02 -2.81 18.06
N LYS A 180 -17.26 -2.39 17.93
CA LYS A 180 -17.78 -1.23 18.67
C LYS A 180 -17.74 -1.38 20.20
N ARG A 181 -17.88 -2.61 20.66
CA ARG A 181 -17.81 -2.85 22.08
C ARG A 181 -16.45 -2.54 22.62
N LEU A 182 -15.43 -2.51 21.77
CA LEU A 182 -14.06 -2.14 22.20
C LEU A 182 -13.88 -0.64 22.51
N LYS A 183 -14.79 0.17 21.97
CA LYS A 183 -14.84 1.61 22.17
C LYS A 183 -13.56 2.29 21.77
N LEU A 184 -13.02 1.89 20.65
CA LEU A 184 -11.82 2.52 20.11
C LEU A 184 -12.16 3.92 19.67
N PRO A 185 -11.17 4.83 19.68
CA PRO A 185 -11.50 6.20 19.20
C PRO A 185 -12.19 6.16 17.85
N SER A 186 -13.22 6.98 17.71
CA SER A 186 -14.04 6.94 16.51
C SER A 186 -14.41 8.35 16.05
N ASP A 187 -15.06 8.42 14.90
CA ASP A 187 -15.54 9.66 14.28
C ASP A 187 -14.41 10.56 13.99
N GLU A 188 -14.43 11.80 14.45
CA GLU A 188 -13.34 12.70 14.16
C GLU A 188 -12.05 12.27 14.89
N TYR A 189 -12.13 11.35 15.84
CA TYR A 189 -10.92 10.87 16.51
C TYR A 189 -10.35 9.65 15.83
N ASP A 190 -10.77 9.37 14.58
CA ASP A 190 -10.27 8.23 13.84
C ASP A 190 -9.95 8.77 12.42
N VAL A 191 -8.67 8.89 12.15
CA VAL A 191 -8.18 9.68 11.03
C VAL A 191 -7.21 8.87 10.17
N PRO A 192 -7.51 8.75 8.86
CA PRO A 192 -6.54 8.11 7.97
C PRO A 192 -5.36 9.00 7.72
N LEU A 193 -4.20 8.42 7.60
CA LEU A 193 -3.02 9.15 7.23
C LEU A 193 -2.36 8.46 6.05
N LEU A 194 -2.60 8.99 4.83
CA LEU A 194 -1.99 8.46 3.63
C LEU A 194 -0.72 9.20 3.30
N ILE A 195 0.40 8.48 3.38
CA ILE A 195 1.72 9.08 3.29
C ILE A 195 2.34 8.81 1.92
N THR A 196 2.64 9.89 1.20
CA THR A 196 3.20 9.80 -0.15
C THR A 196 4.37 10.76 -0.26
N ASP A 197 5.54 10.27 -0.66
CA ASP A 197 6.66 11.17 -0.92
C ASP A 197 6.61 11.64 -2.39
N ARG A 198 6.99 12.89 -2.60
CA ARG A 198 6.93 13.54 -3.91
C ARG A 198 8.15 14.46 -4.05
N THR A 199 8.59 14.62 -5.27
CA THR A 199 9.44 15.72 -5.68
C THR A 199 8.61 16.68 -6.54
N ILE A 200 8.66 17.96 -6.18
CA ILE A 200 7.85 18.99 -6.79
C ILE A 200 8.76 20.12 -7.28
N ASN A 201 8.56 20.54 -8.52
CA ASN A 201 9.32 21.62 -9.13
C ASN A 201 8.83 22.97 -8.60
N GLU A 202 9.62 24.02 -8.85
CA GLU A 202 9.30 25.36 -8.39
C GLU A 202 7.99 25.85 -8.96
N ASP A 203 7.70 25.51 -10.21
CA ASP A 203 6.42 25.87 -10.78
C ASP A 203 5.24 25.01 -10.26
N GLY A 204 5.47 24.14 -9.26
CA GLY A 204 4.41 23.36 -8.65
C GLY A 204 4.13 21.99 -9.30
N SER A 205 4.69 21.76 -10.48
CA SER A 205 4.48 20.53 -11.23
C SER A 205 5.24 19.44 -10.54
N LEU A 206 4.66 18.26 -10.60
CA LEU A 206 5.33 17.04 -10.09
C LEU A 206 6.56 16.74 -10.94
N PHE A 207 7.63 16.34 -10.27
CA PHE A 207 8.80 15.80 -10.92
C PHE A 207 8.78 14.30 -10.74
N TYR A 208 8.91 13.58 -11.83
CA TYR A 208 9.20 12.17 -11.85
C TYR A 208 10.27 11.92 -12.92
N PRO A 209 11.28 11.12 -12.57
CA PRO A 209 12.45 11.05 -13.45
C PRO A 209 12.14 10.37 -14.79
N SER A 210 12.66 10.94 -15.86
CA SER A 210 12.43 10.33 -17.14
C SER A 210 13.58 9.36 -17.49
N ALA A 211 14.54 9.24 -16.58
CA ALA A 211 15.70 8.41 -16.80
C ALA A 211 16.51 8.29 -15.50
N PRO A 212 17.30 7.22 -15.37
CA PRO A 212 18.28 7.18 -14.27
C PRO A 212 19.30 8.33 -14.37
N GLU A 213 20.07 8.51 -13.32
CA GLU A 213 21.20 9.45 -13.39
C GLU A 213 22.22 9.07 -14.47
N ASN A 214 22.70 10.07 -15.22
CA ASN A 214 23.78 9.89 -16.19
C ASN A 214 23.52 8.71 -17.13
N PRO A 215 22.47 8.84 -17.94
CA PRO A 215 22.02 7.77 -18.83
C PRO A 215 22.79 7.64 -20.16
N SER A 216 23.30 6.46 -20.46
CA SER A 216 23.79 6.13 -21.81
C SER A 216 22.81 6.61 -22.88
N PRO A 217 23.32 7.15 -24.00
CA PRO A 217 22.44 7.61 -25.10
C PRO A 217 21.71 6.47 -25.88
N SER A 218 22.03 5.23 -25.54
CA SER A 218 21.33 4.08 -26.13
C SER A 218 20.09 3.72 -25.28
N LEU A 219 20.12 4.17 -24.01
CA LEU A 219 19.03 3.95 -23.06
C LEU A 219 17.76 4.55 -23.62
N PRO A 220 16.64 3.81 -23.56
CA PRO A 220 15.37 4.41 -24.01
C PRO A 220 15.07 5.72 -23.29
N ASN A 221 14.31 6.58 -23.96
CA ASN A 221 14.01 7.86 -23.41
C ASN A 221 12.56 8.16 -23.74
N PRO A 222 11.69 8.15 -22.71
CA PRO A 222 12.03 7.91 -21.30
C PRO A 222 12.40 6.46 -20.94
N SER A 223 13.14 6.32 -19.84
CA SER A 223 13.44 5.03 -19.25
C SER A 223 12.94 4.88 -17.79
N ILE A 224 12.38 3.71 -17.48
CA ILE A 224 12.06 3.34 -16.12
C ILE A 224 13.28 3.40 -15.23
N VAL A 225 13.07 3.73 -13.96
CA VAL A 225 14.10 3.67 -12.94
C VAL A 225 13.70 2.61 -11.94
N PRO A 226 14.69 2.03 -11.23
CA PRO A 226 14.36 0.90 -10.35
C PRO A 226 13.85 1.31 -8.98
N ALA A 227 13.92 2.60 -8.67
CA ALA A 227 13.54 3.09 -7.36
C ALA A 227 13.34 4.58 -7.46
N PHE A 228 12.40 5.12 -6.69
CA PHE A 228 12.24 6.56 -6.65
C PHE A 228 12.04 7.09 -5.23
N CYS A 229 12.92 7.99 -4.81
CA CYS A 229 12.83 8.66 -3.50
C CYS A 229 12.48 10.12 -3.71
N GLY A 230 11.32 10.51 -3.18
CA GLY A 230 10.86 11.87 -3.22
C GLY A 230 11.56 12.76 -2.23
N GLU A 231 11.77 14.00 -2.63
CA GLU A 231 12.43 14.97 -1.74
C GLU A 231 11.53 15.45 -0.59
N THR A 232 10.22 15.41 -0.79
CA THR A 232 9.27 15.95 0.15
C THR A 232 8.30 14.87 0.61
N ILE A 233 7.82 14.96 1.84
CA ILE A 233 6.83 14.01 2.34
C ILE A 233 5.48 14.69 2.46
N LEU A 234 4.41 14.02 2.00
CA LEU A 234 3.06 14.56 2.13
C LEU A 234 2.24 13.60 2.93
N VAL A 235 1.26 14.14 3.65
CA VAL A 235 0.26 13.36 4.29
C VAL A 235 -1.08 13.90 3.87
N ASN A 236 -1.95 13.00 3.41
CA ASN A 236 -3.24 13.39 2.88
C ASN A 236 -3.13 14.57 1.91
N GLY A 237 -2.16 14.53 1.01
CA GLY A 237 -2.09 15.49 -0.06
C GLY A 237 -1.50 16.85 0.26
N LYS A 238 -0.89 17.01 1.44
CA LYS A 238 -0.18 18.25 1.79
C LYS A 238 1.20 17.95 2.27
N VAL A 239 2.15 18.79 1.82
CA VAL A 239 3.53 18.73 2.25
C VAL A 239 3.66 19.02 3.74
N TRP A 240 4.42 18.19 4.44
CA TRP A 240 4.72 18.33 5.86
C TRP A 240 3.67 19.08 6.65
N PRO A 241 2.49 18.50 6.78
CA PRO A 241 1.40 19.25 7.37
C PRO A 241 1.38 19.21 8.91
N TYR A 242 0.47 19.99 9.51
CA TYR A 242 0.24 19.92 10.95
C TYR A 242 -1.21 19.49 11.17
N LEU A 243 -1.46 18.84 12.28
CA LEU A 243 -2.79 18.50 12.70
C LEU A 243 -3.02 18.92 14.12
N GLU A 244 -4.01 19.77 14.32
CA GLU A 244 -4.42 20.09 15.64
C GLU A 244 -5.26 18.95 16.22
N VAL A 245 -4.84 18.44 17.39
CA VAL A 245 -5.56 17.38 18.07
C VAL A 245 -5.97 17.81 19.50
N GLU A 246 -7.04 17.21 19.98
CA GLU A 246 -7.45 17.28 21.35
C GLU A 246 -6.53 16.43 22.24
N PRO A 247 -6.35 16.85 23.52
CA PRO A 247 -5.55 16.12 24.47
C PRO A 247 -6.29 14.84 24.96
N ARG A 248 -6.28 13.80 24.13
CA ARG A 248 -7.03 12.54 24.34
C ARG A 248 -6.52 11.46 23.35
N LYS A 249 -7.16 10.30 23.34
CA LYS A 249 -6.77 9.20 22.41
C LYS A 249 -7.33 9.41 21.00
N TYR A 250 -6.50 9.20 19.98
CA TYR A 250 -6.87 9.18 18.59
C TYR A 250 -6.49 7.86 18.02
N ARG A 251 -7.29 7.41 17.05
CA ARG A 251 -6.96 6.33 16.18
C ARG A 251 -6.49 6.87 14.85
N PHE A 252 -5.37 6.38 14.38
CA PHE A 252 -4.87 6.71 13.06
C PHE A 252 -4.76 5.47 12.14
N ARG A 253 -5.26 5.59 10.91
CA ARG A 253 -5.13 4.55 9.91
C ARG A 253 -3.98 4.94 9.04
N VAL A 254 -2.79 4.40 9.36
CA VAL A 254 -1.57 4.83 8.70
C VAL A 254 -1.33 3.93 7.47
N ILE A 255 -1.23 4.56 6.31
CA ILE A 255 -1.13 3.88 5.03
C ILE A 255 0.07 4.40 4.27
N ASN A 256 1.00 3.53 3.93
CA ASN A 256 2.04 3.92 3.04
C ASN A 256 1.62 3.76 1.57
N ALA A 257 1.33 4.90 0.95
CA ALA A 257 0.89 5.01 -0.45
C ALA A 257 1.98 5.55 -1.33
N SER A 258 3.22 5.40 -0.88
CA SER A 258 4.37 5.84 -1.67
C SER A 258 4.85 4.77 -2.65
N ASN A 259 5.63 5.18 -3.64
CA ASN A 259 6.01 4.28 -4.70
C ASN A 259 7.07 3.30 -4.23
N THR A 260 8.14 3.83 -3.64
CA THR A 260 9.30 3.05 -3.19
C THR A 260 9.55 3.16 -1.72
N ARG A 261 9.38 4.39 -1.19
CA ARG A 261 9.93 4.73 0.13
C ARG A 261 9.38 3.88 1.24
N THR A 262 10.27 3.33 2.07
CA THR A 262 9.89 2.79 3.39
C THR A 262 10.12 3.85 4.47
N TYR A 263 9.17 3.94 5.40
CA TYR A 263 9.25 4.81 6.55
C TYR A 263 9.58 4.00 7.80
N ASN A 264 10.29 4.62 8.73
CA ASN A 264 10.45 4.09 10.09
C ASN A 264 10.05 5.18 11.06
N LEU A 265 8.87 5.05 11.63
CA LEU A 265 8.23 6.16 12.29
C LEU A 265 8.40 6.16 13.81
N SER A 266 8.57 7.39 14.35
CA SER A 266 8.63 7.64 15.78
C SER A 266 8.00 9.00 16.13
N LEU A 267 7.81 9.24 17.41
CA LEU A 267 7.38 10.57 17.88
C LEU A 267 8.58 11.31 18.47
N ASP A 268 8.83 12.57 18.11
CA ASP A 268 10.08 13.22 18.55
C ASP A 268 10.16 13.54 20.07
N ASN A 269 9.07 13.42 20.82
CA ASN A 269 9.13 13.48 22.25
C ASN A 269 9.45 12.12 22.91
N GLY A 270 9.85 11.10 22.14
CA GLY A 270 10.02 9.73 22.68
C GLY A 270 8.74 9.01 23.14
N GLY A 271 7.58 9.61 22.94
CA GLY A 271 6.33 8.91 23.23
C GLY A 271 6.08 7.66 22.35
N ASP A 272 5.21 6.81 22.84
CA ASP A 272 4.85 5.54 22.24
C ASP A 272 3.58 5.57 21.38
N PHE A 273 3.55 4.67 20.39
CA PHE A 273 2.30 4.28 19.72
C PHE A 273 1.74 3.01 20.36
N ILE A 274 0.43 2.82 20.20
CA ILE A 274 -0.22 1.53 20.48
C ILE A 274 -0.74 0.95 19.15
N GLN A 275 -0.15 -0.15 18.71
CA GLN A 275 -0.65 -0.79 17.51
C GLN A 275 -1.83 -1.64 17.87
N ILE A 276 -2.98 -1.39 17.25
CA ILE A 276 -4.12 -2.22 17.45
C ILE A 276 -4.39 -3.13 16.25
N GLY A 277 -3.82 -2.82 15.08
CA GLY A 277 -4.18 -3.52 13.85
C GLY A 277 -3.13 -3.53 12.78
N SER A 278 -3.15 -4.59 11.94
CA SER A 278 -2.22 -4.76 10.84
C SER A 278 -3.04 -4.79 9.51
N ASP A 279 -2.38 -5.06 8.36
CA ASP A 279 -3.11 -5.09 7.07
C ASP A 279 -4.42 -5.79 7.16
N GLY A 280 -4.43 -6.92 7.86
CA GLY A 280 -5.56 -7.79 7.87
C GLY A 280 -6.51 -7.61 9.03
N GLY A 281 -6.40 -6.51 9.77
CA GLY A 281 -7.36 -6.23 10.86
C GLY A 281 -6.74 -6.21 12.25
N LEU A 282 -7.60 -6.20 13.26
CA LEU A 282 -7.17 -6.07 14.65
C LEU A 282 -6.20 -7.18 15.02
N LEU A 283 -5.08 -6.86 15.66
CA LEU A 283 -4.27 -7.85 16.35
C LEU A 283 -5.07 -8.50 17.47
N PRO A 284 -4.69 -9.71 17.87
CA PRO A 284 -5.36 -10.28 19.05
C PRO A 284 -5.15 -9.43 20.33
N ARG A 285 -3.93 -8.89 20.49
CA ARG A 285 -3.60 -7.97 21.61
C ARG A 285 -2.94 -6.67 21.10
N SER A 286 -3.24 -5.57 21.76
CA SER A 286 -2.52 -4.32 21.47
C SER A 286 -1.07 -4.42 21.83
N VAL A 287 -0.23 -3.71 21.10
CA VAL A 287 1.21 -3.78 21.27
C VAL A 287 1.75 -2.35 21.41
N LYS A 288 2.56 -2.10 22.43
CA LYS A 288 3.12 -0.76 22.64
C LYS A 288 4.42 -0.68 21.86
N LEU A 289 4.60 0.37 21.08
CA LEU A 289 5.74 0.44 20.21
C LEU A 289 6.33 1.81 20.30
N ASN A 290 7.64 1.92 20.26
CA ASN A 290 8.28 3.23 20.27
C ASN A 290 8.56 3.67 18.82
N SER A 291 8.70 2.70 17.92
CA SER A 291 8.90 3.01 16.53
C SER A 291 8.31 1.85 15.70
N PHE A 292 8.09 2.06 14.40
CA PHE A 292 7.62 0.96 13.52
C PHE A 292 7.99 1.24 12.07
N SER A 293 8.29 0.16 11.37
CA SER A 293 8.63 0.17 9.97
C SER A 293 7.36 0.13 9.13
N LEU A 294 7.34 0.83 8.01
CA LEU A 294 6.13 0.87 7.19
C LEU A 294 6.55 0.97 5.71
N ALA A 295 6.54 -0.17 5.02
CA ALA A 295 7.01 -0.25 3.63
C ALA A 295 5.80 0.07 2.74
N PRO A 296 6.03 0.25 1.43
CA PRO A 296 4.90 0.50 0.50
C PRO A 296 3.74 -0.50 0.65
N ALA A 297 2.56 0.04 0.86
CA ALA A 297 1.30 -0.69 0.91
C ALA A 297 0.95 -1.34 2.22
N GLU A 298 1.87 -1.31 3.20
CA GLU A 298 1.54 -1.67 4.59
C GLU A 298 0.65 -0.67 5.25
N ARG A 299 -0.16 -1.16 6.18
CA ARG A 299 -1.03 -0.35 6.97
C ARG A 299 -0.85 -0.68 8.46
N TYR A 300 -0.82 0.36 9.29
CA TYR A 300 -0.76 0.16 10.74
C TYR A 300 -1.95 0.92 11.28
N ASP A 301 -2.79 0.22 12.03
CA ASP A 301 -3.91 0.82 12.71
C ASP A 301 -3.32 1.07 14.17
N ILE A 302 -3.19 2.34 14.52
CA ILE A 302 -2.60 2.69 15.79
C ILE A 302 -3.45 3.65 16.61
N ILE A 303 -3.15 3.70 17.90
CA ILE A 303 -3.73 4.72 18.79
C ILE A 303 -2.54 5.54 19.27
N ILE A 304 -2.68 6.87 19.24
CA ILE A 304 -1.73 7.77 19.90
C ILE A 304 -2.55 8.49 21.02
N ASP A 305 -2.02 8.41 22.25
CA ASP A 305 -2.65 9.02 23.41
C ASP A 305 -1.97 10.39 23.74
N PHE A 306 -2.62 11.46 23.33
CA PHE A 306 -2.10 12.79 23.55
C PHE A 306 -2.54 13.39 24.93
N THR A 307 -3.23 12.60 25.74
CA THR A 307 -3.86 13.06 26.97
C THR A 307 -2.90 13.90 27.88
N ALA A 308 -1.64 13.48 27.96
CA ALA A 308 -0.67 14.02 28.86
C ALA A 308 0.20 15.08 28.18
N TYR A 309 -0.11 15.46 26.94
CA TYR A 309 0.74 16.35 26.14
C TYR A 309 0.06 17.63 25.65
N GLU A 310 -0.97 18.05 26.37
CA GLU A 310 -1.67 19.26 26.04
C GLU A 310 -0.71 20.45 25.82
N GLY A 311 -0.91 21.18 24.72
CA GLY A 311 -0.07 22.37 24.35
C GLY A 311 1.16 22.07 23.52
N GLU A 312 1.57 20.80 23.54
CA GLU A 312 2.80 20.41 22.85
C GLU A 312 2.64 20.23 21.34
N SER A 313 3.78 20.39 20.67
CA SER A 313 3.96 20.07 19.28
C SER A 313 4.86 18.86 19.25
N ILE A 314 4.38 17.81 18.58
CA ILE A 314 5.08 16.54 18.52
C ILE A 314 5.24 16.15 17.06
N ILE A 315 6.49 15.95 16.66
CA ILE A 315 6.73 15.63 15.27
C ILE A 315 6.67 14.14 15.07
N LEU A 316 5.84 13.70 14.09
CA LEU A 316 5.93 12.34 13.58
C LEU A 316 7.15 12.27 12.67
N ALA A 317 8.17 11.58 13.17
CA ALA A 317 9.48 11.56 12.60
C ALA A 317 9.79 10.29 11.84
N ASN A 318 10.84 10.35 11.03
CA ASN A 318 11.21 9.24 10.19
C ASN A 318 12.73 9.09 10.16
N SER A 319 13.20 7.86 10.32
CA SER A 319 14.62 7.59 10.34
C SER A 319 15.11 6.63 9.23
N ALA A 320 14.18 6.09 8.41
CA ALA A 320 14.58 5.21 7.30
C ALA A 320 15.09 6.04 6.15
N GLY A 321 16.27 5.68 5.67
CA GLY A 321 16.81 6.33 4.49
C GLY A 321 16.12 5.87 3.20
N CYS A 322 16.24 6.72 2.18
CA CYS A 322 15.81 6.41 0.83
C CYS A 322 16.87 6.99 -0.08
N GLY A 323 17.70 6.11 -0.64
CA GLY A 323 18.87 6.49 -1.44
C GLY A 323 19.83 7.37 -0.65
N GLY A 324 20.06 7.01 0.61
CA GLY A 324 20.84 7.86 1.50
C GLY A 324 20.18 7.99 2.86
N ASP A 325 20.95 8.52 3.82
CA ASP A 325 20.45 8.83 5.17
C ASP A 325 19.38 9.93 5.12
N VAL A 326 18.41 9.85 6.04
CA VAL A 326 17.41 10.89 6.11
C VAL A 326 18.08 12.20 6.40
N ASN A 327 17.54 13.25 5.83
CA ASN A 327 17.94 14.57 6.13
C ASN A 327 17.00 15.13 7.20
N PRO A 328 17.55 15.56 8.35
CA PRO A 328 16.79 16.12 9.49
C PRO A 328 15.88 17.25 9.09
N GLU A 329 16.23 17.99 8.05
CA GLU A 329 15.38 19.13 7.64
C GLU A 329 14.26 18.78 6.64
N THR A 330 14.33 17.60 6.00
CA THR A 330 13.37 17.21 4.96
C THR A 330 12.72 15.86 5.31
N ASP A 331 13.24 14.76 4.79
CA ASP A 331 12.54 13.49 4.87
C ASP A 331 12.59 12.81 6.22
N ALA A 332 13.23 13.43 7.21
CA ALA A 332 13.19 12.96 8.60
C ALA A 332 11.86 13.37 9.24
N ASN A 333 11.13 14.24 8.55
CA ASN A 333 9.83 14.74 9.03
C ASN A 333 8.69 14.17 8.23
N ILE A 334 7.61 13.79 8.91
CA ILE A 334 6.38 13.46 8.22
C ILE A 334 5.29 14.53 8.41
N MET A 335 4.85 14.70 9.65
CA MET A 335 3.87 15.70 9.99
C MET A 335 4.04 16.15 11.45
N GLN A 336 3.24 17.11 11.89
CA GLN A 336 3.37 17.60 13.24
C GLN A 336 2.03 17.61 13.91
N PHE A 337 1.96 17.04 15.11
CA PHE A 337 0.74 17.16 15.91
C PHE A 337 0.88 18.36 16.85
N ARG A 338 -0.20 19.12 16.97
CA ARG A 338 -0.27 20.23 17.92
C ARG A 338 -1.42 19.97 18.84
N VAL A 339 -1.15 19.69 20.11
CA VAL A 339 -2.22 19.32 21.02
C VAL A 339 -2.93 20.58 21.59
N THR A 340 -3.61 21.31 20.72
CA THR A 340 -4.21 22.60 21.10
C THR A 340 -5.69 22.71 20.81
N LYS A 341 -6.31 21.63 20.37
CA LYS A 341 -7.76 21.65 20.17
C LYS A 341 -8.44 21.37 21.51
N PRO A 342 -9.32 22.27 21.91
CA PRO A 342 -10.12 21.97 23.11
C PRO A 342 -10.97 20.68 22.98
N LEU A 343 -11.18 19.99 24.09
CA LEU A 343 -11.88 18.75 24.08
C LEU A 343 -13.33 19.05 23.73
N ALA A 344 -13.90 18.34 22.76
CA ALA A 344 -15.33 18.58 22.42
C ALA A 344 -16.21 17.82 23.35
N GLN A 345 -15.67 16.77 23.95
CA GLN A 345 -16.37 16.05 25.02
C GLN A 345 -15.38 15.18 25.75
N LYS A 346 -15.86 14.51 26.79
CA LYS A 346 -15.06 13.49 27.49
C LYS A 346 -14.54 12.45 26.51
N ASP A 347 -13.27 12.09 26.61
CA ASP A 347 -12.72 10.96 25.92
C ASP A 347 -13.29 9.68 26.53
N GLU A 348 -14.29 9.10 25.87
CA GLU A 348 -14.81 7.80 26.31
C GLU A 348 -14.23 6.63 25.56
N SER A 349 -13.22 6.88 24.72
CA SER A 349 -12.54 5.84 24.03
C SER A 349 -11.59 5.03 24.94
N ARG A 350 -11.25 3.83 24.47
CA ARG A 350 -10.34 2.95 25.19
C ARG A 350 -9.13 2.56 24.39
N LYS A 351 -8.11 2.07 25.06
CA LYS A 351 -6.94 1.46 24.40
C LYS A 351 -6.80 0.07 25.01
N PRO A 352 -7.74 -0.83 24.68
CA PRO A 352 -7.79 -2.15 25.31
C PRO A 352 -6.60 -3.02 25.00
N LYS A 353 -6.25 -3.86 25.96
CA LYS A 353 -5.22 -4.87 25.75
C LYS A 353 -5.82 -6.02 24.89
N TYR A 354 -7.04 -6.42 25.17
CA TYR A 354 -7.63 -7.55 24.49
C TYR A 354 -8.39 -7.02 23.30
N LEU A 355 -8.00 -7.42 22.08
CA LEU A 355 -8.69 -6.89 20.88
C LEU A 355 -9.54 -7.97 20.20
N ALA A 356 -8.97 -9.12 19.94
CA ALA A 356 -9.68 -10.10 19.16
C ALA A 356 -9.11 -11.47 19.38
N SER A 357 -9.84 -12.47 18.93
CA SER A 357 -9.40 -13.85 18.95
C SER A 357 -8.13 -14.02 18.23
N TYR A 358 -7.29 -14.89 18.78
CA TYR A 358 -6.11 -15.33 18.12
C TYR A 358 -6.52 -16.10 16.89
N PRO A 359 -5.64 -16.12 15.89
CA PRO A 359 -5.92 -17.05 14.82
C PRO A 359 -6.16 -18.47 15.37
N SER A 360 -7.29 -19.08 14.96
CA SER A 360 -7.60 -20.48 15.24
C SER A 360 -6.27 -21.18 15.04
N VAL A 361 -5.77 -21.71 16.14
CA VAL A 361 -4.56 -22.52 16.20
C VAL A 361 -4.66 -23.76 15.27
N GLN A 362 -5.84 -24.39 15.19
CA GLN A 362 -6.04 -25.50 14.24
C GLN A 362 -6.12 -24.98 12.82
N HIS A 363 -4.94 -24.69 12.27
CA HIS A 363 -4.83 -24.39 10.86
C HIS A 363 -5.27 -25.63 10.12
N GLU A 364 -5.53 -25.44 8.83
CA GLU A 364 -5.77 -26.56 7.96
C GLU A 364 -4.45 -27.32 7.83
N ARG A 365 -4.53 -28.51 7.24
CA ARG A 365 -3.31 -29.21 6.89
C ARG A 365 -2.63 -28.41 5.77
N ILE A 366 -1.31 -28.46 5.76
CA ILE A 366 -0.51 -27.78 4.76
C ILE A 366 -0.60 -28.60 3.46
N GLN A 367 -1.32 -28.06 2.50
CA GLN A 367 -1.54 -28.74 1.24
C GLN A 367 -0.28 -28.69 0.37
N ASN A 368 0.47 -27.61 0.48
CA ASN A 368 1.60 -27.39 -0.43
C ASN A 368 2.57 -26.38 0.16
N ILE A 369 3.82 -26.49 -0.27
CA ILE A 369 4.85 -25.58 0.14
C ILE A 369 5.55 -25.08 -1.09
N ARG A 370 5.46 -23.79 -1.38
CA ARG A 370 6.11 -23.20 -2.53
C ARG A 370 7.36 -22.55 -2.07
N THR A 371 8.45 -22.80 -2.78
CA THR A 371 9.69 -22.09 -2.53
C THR A 371 9.84 -21.05 -3.63
N LEU A 372 10.02 -19.77 -3.28
CA LEU A 372 10.05 -18.73 -4.29
C LEU A 372 11.24 -17.84 -4.08
N LYS A 373 11.88 -17.43 -5.17
CA LYS A 373 13.09 -16.60 -5.15
C LYS A 373 12.79 -15.19 -5.67
N LEU A 374 13.34 -14.17 -5.02
CA LEU A 374 13.36 -12.82 -5.52
C LEU A 374 14.68 -12.65 -6.24
N ALA A 375 14.65 -12.19 -7.48
CA ALA A 375 15.91 -11.97 -8.22
C ALA A 375 15.78 -10.95 -9.32
N GLY A 376 16.90 -10.63 -9.95
CA GLY A 376 16.90 -9.71 -11.08
C GLY A 376 17.92 -10.08 -12.12
N THR A 377 17.52 -10.01 -13.39
CA THR A 377 18.45 -10.09 -14.50
C THR A 377 18.65 -8.66 -15.02
N GLN A 378 19.36 -8.52 -16.13
CA GLN A 378 19.56 -7.23 -16.78
C GLN A 378 19.00 -7.31 -18.15
N ASP A 379 18.54 -6.20 -18.68
CA ASP A 379 17.99 -6.23 -20.00
C ASP A 379 19.04 -5.81 -21.03
N GLU A 380 18.60 -5.78 -22.26
CA GLU A 380 19.46 -5.47 -23.39
C GLU A 380 20.04 -4.07 -23.37
N TYR A 381 19.54 -3.19 -22.48
CA TYR A 381 20.08 -1.84 -22.28
C TYR A 381 20.88 -1.75 -21.01
N GLY A 382 21.01 -2.87 -20.28
CA GLY A 382 21.72 -2.88 -19.00
C GLY A 382 20.87 -2.49 -17.79
N ARG A 383 19.55 -2.40 -17.96
CA ARG A 383 18.72 -2.02 -16.83
C ARG A 383 18.40 -3.24 -15.97
N PRO A 384 18.29 -3.04 -14.66
CA PRO A 384 17.80 -4.13 -13.82
C PRO A 384 16.35 -4.46 -14.13
N VAL A 385 16.04 -5.75 -14.31
CA VAL A 385 14.66 -6.26 -14.44
C VAL A 385 14.39 -7.10 -13.20
N LEU A 386 13.45 -6.68 -12.33
CA LEU A 386 13.20 -7.43 -11.11
C LEU A 386 12.16 -8.52 -11.30
N LEU A 387 12.50 -9.74 -10.89
CA LEU A 387 11.73 -10.93 -11.25
C LEU A 387 11.36 -11.76 -10.05
N LEU A 388 10.21 -12.39 -10.10
CA LEU A 388 9.76 -13.32 -9.08
C LEU A 388 10.08 -14.73 -9.61
N ASN A 389 10.96 -15.47 -8.94
CA ASN A 389 11.30 -16.84 -9.35
C ASN A 389 11.77 -16.95 -10.80
N ASN A 390 12.54 -15.96 -11.24
CA ASN A 390 12.97 -15.79 -12.64
C ASN A 390 11.93 -15.93 -13.72
N LYS A 391 10.67 -15.64 -13.42
CA LYS A 391 9.67 -15.62 -14.44
C LYS A 391 9.29 -14.24 -14.77
N ARG A 392 8.97 -13.99 -16.03
CA ARG A 392 8.35 -12.76 -16.42
C ARG A 392 6.86 -12.89 -16.22
N TRP A 393 6.23 -11.72 -16.12
CA TRP A 393 4.78 -11.61 -16.04
C TRP A 393 4.06 -12.51 -17.05
N HIS A 394 4.47 -12.42 -18.32
CA HIS A 394 3.80 -13.10 -19.48
C HIS A 394 4.06 -14.63 -19.48
N ASP A 395 5.06 -15.13 -18.76
CA ASP A 395 5.31 -16.57 -18.72
C ASP A 395 4.13 -17.30 -18.13
N PRO A 396 3.97 -18.60 -18.49
CA PRO A 396 2.80 -19.29 -17.99
C PRO A 396 2.81 -19.33 -16.47
N VAL A 397 1.60 -19.26 -15.94
CA VAL A 397 1.37 -19.21 -14.52
C VAL A 397 1.92 -20.43 -13.80
N THR A 398 2.65 -20.19 -12.71
CA THR A 398 3.19 -21.25 -11.88
C THR A 398 2.64 -21.25 -10.47
N GLU A 399 2.12 -20.14 -9.97
CA GLU A 399 1.57 -20.14 -8.60
C GLU A 399 0.10 -20.44 -8.70
N THR A 400 -0.27 -21.70 -8.44
CA THR A 400 -1.57 -22.23 -8.80
C THR A 400 -2.19 -22.97 -7.61
N PRO A 401 -2.45 -22.25 -6.51
CA PRO A 401 -3.03 -22.91 -5.35
C PRO A 401 -4.45 -23.39 -5.59
N LYS A 402 -4.89 -24.42 -4.88
CA LYS A 402 -6.27 -24.87 -4.96
C LYS A 402 -7.12 -24.12 -3.97
N VAL A 403 -8.31 -23.74 -4.43
CA VAL A 403 -9.26 -23.06 -3.62
C VAL A 403 -9.50 -23.85 -2.35
N GLY A 404 -9.56 -23.14 -1.23
CA GLY A 404 -9.91 -23.72 0.05
C GLY A 404 -8.74 -24.43 0.75
N THR A 405 -7.56 -24.40 0.14
CA THR A 405 -6.42 -25.09 0.68
C THR A 405 -5.41 -24.08 1.23
N THR A 406 -4.54 -24.59 2.11
CA THR A 406 -3.53 -23.77 2.79
C THR A 406 -2.16 -24.16 2.30
N GLU A 407 -1.34 -23.17 2.00
CA GLU A 407 0.02 -23.35 1.60
C GLU A 407 0.95 -22.54 2.48
N ILE A 408 2.18 -22.99 2.59
CA ILE A 408 3.28 -22.20 3.07
C ILE A 408 4.07 -21.74 1.88
N TRP A 409 4.41 -20.45 1.86
CA TRP A 409 5.31 -19.89 0.85
C TRP A 409 6.61 -19.50 1.55
N SER A 410 7.73 -20.03 1.07
CA SER A 410 9.03 -19.63 1.55
C SER A 410 9.65 -18.73 0.53
N ILE A 411 9.86 -17.46 0.88
CA ILE A 411 10.34 -16.49 -0.06
C ILE A 411 11.80 -16.25 0.22
N ILE A 412 12.62 -16.58 -0.75
CA ILE A 412 14.07 -16.46 -0.61
C ILE A 412 14.52 -15.15 -1.22
N ASN A 413 15.20 -14.34 -0.42
CA ASN A 413 15.67 -13.03 -0.88
C ASN A 413 17.16 -12.86 -0.82
N PRO A 414 17.86 -13.18 -1.91
CA PRO A 414 19.29 -13.02 -1.98
C PRO A 414 19.73 -11.66 -2.49
N THR A 415 18.81 -10.71 -2.69
CA THR A 415 19.17 -9.43 -3.31
C THR A 415 19.64 -8.54 -2.21
N ARG A 416 20.06 -7.34 -2.57
CA ARG A 416 20.66 -6.44 -1.60
C ARG A 416 19.61 -5.63 -0.83
N GLY A 417 18.32 -5.72 -1.21
CA GLY A 417 17.29 -4.88 -0.59
C GLY A 417 16.07 -5.62 -0.10
N THR A 418 15.27 -4.94 0.70
CA THR A 418 14.00 -5.45 1.13
C THR A 418 12.97 -5.29 0.00
N HIS A 419 12.11 -6.28 -0.16
CA HIS A 419 10.95 -6.14 -1.08
C HIS A 419 9.68 -6.34 -0.30
N PRO A 420 8.73 -5.41 -0.36
CA PRO A 420 7.46 -5.63 0.28
C PRO A 420 6.56 -6.44 -0.66
N ILE A 421 6.31 -7.68 -0.31
CA ILE A 421 5.58 -8.58 -1.17
C ILE A 421 4.13 -8.64 -0.79
N HIS A 422 3.25 -8.43 -1.77
CA HIS A 422 1.82 -8.43 -1.61
C HIS A 422 1.18 -9.59 -2.38
N LEU A 423 0.29 -10.32 -1.69
CA LEU A 423 -0.58 -11.29 -2.28
C LEU A 423 -1.97 -10.72 -2.30
N HIS A 424 -2.65 -10.86 -3.44
CA HIS A 424 -3.99 -10.41 -3.54
C HIS A 424 -4.90 -11.46 -2.97
N LEU A 425 -6.16 -11.06 -2.79
CA LEU A 425 -7.25 -11.87 -2.21
C LEU A 425 -7.09 -12.25 -0.73
N VAL A 426 -5.95 -12.78 -0.37
CA VAL A 426 -5.82 -13.40 0.93
C VAL A 426 -5.12 -12.49 1.93
N SER A 427 -5.29 -12.78 3.20
CA SER A 427 -4.25 -12.44 4.15
C SER A 427 -3.58 -13.70 4.61
N PHE A 428 -2.44 -13.53 5.24
CA PHE A 428 -1.56 -14.58 5.67
C PHE A 428 -0.91 -14.31 7.04
N ARG A 429 -0.39 -15.40 7.63
CA ARG A 429 0.33 -15.40 8.89
C ARG A 429 1.76 -15.35 8.51
N VAL A 430 2.55 -14.72 9.34
CA VAL A 430 4.00 -14.69 9.17
C VAL A 430 4.57 -15.76 10.10
N LEU A 431 5.31 -16.70 9.54
CA LEU A 431 5.73 -17.85 10.32
C LEU A 431 7.08 -17.54 10.96
N ASP A 432 8.06 -17.14 10.13
CA ASP A 432 9.40 -16.81 10.62
C ASP A 432 10.30 -16.28 9.51
N ARG A 433 11.46 -15.75 9.90
CA ARG A 433 12.49 -15.28 8.97
C ARG A 433 13.81 -15.91 9.41
N ARG A 434 14.69 -16.17 8.44
CA ARG A 434 15.91 -16.85 8.76
C ARG A 434 17.02 -16.46 7.83
N PRO A 435 18.22 -16.13 8.37
CA PRO A 435 19.28 -15.64 7.48
C PRO A 435 19.98 -16.79 6.78
N PHE A 436 20.54 -16.51 5.62
CA PHE A 436 21.20 -17.56 4.87
C PHE A 436 22.44 -17.05 4.18
N ASP A 437 23.22 -17.98 3.64
CA ASP A 437 24.50 -17.70 3.02
C ASP A 437 24.23 -17.23 1.61
N ILE A 438 24.38 -15.92 1.39
CA ILE A 438 23.99 -15.34 0.10
C ILE A 438 24.87 -15.83 -1.05
N ALA A 439 26.20 -15.73 -0.89
CA ALA A 439 27.14 -16.16 -1.94
C ALA A 439 26.93 -17.63 -2.29
N ARG A 440 26.82 -18.48 -1.28
CA ARG A 440 26.63 -19.89 -1.58
C ARG A 440 25.35 -20.11 -2.41
N TYR A 441 24.26 -19.46 -1.98
CA TYR A 441 22.99 -19.53 -2.72
C TYR A 441 23.16 -19.02 -4.15
N GLN A 442 23.89 -17.94 -4.32
CA GLN A 442 24.09 -17.38 -5.66
C GLN A 442 24.87 -18.34 -6.55
N GLU A 443 25.91 -18.96 -5.97
CA GLU A 443 26.82 -19.83 -6.70
C GLU A 443 26.20 -21.20 -7.04
N SER A 444 25.56 -21.85 -6.07
CA SER A 444 25.13 -23.24 -6.24
C SER A 444 23.61 -23.45 -6.27
N GLY A 445 22.84 -22.39 -5.98
CA GLY A 445 21.41 -22.56 -5.77
C GLY A 445 21.09 -23.30 -4.46
N GLU A 446 22.08 -23.45 -3.58
CA GLU A 446 21.85 -24.20 -2.36
C GLU A 446 21.73 -23.31 -1.13
N LEU A 447 20.72 -23.66 -0.35
CA LEU A 447 20.27 -22.86 0.75
C LEU A 447 20.92 -23.32 2.04
N SER A 448 21.82 -22.51 2.57
CA SER A 448 22.51 -22.82 3.82
C SER A 448 22.30 -21.72 4.87
N TYR A 449 21.45 -22.03 5.84
CA TYR A 449 21.14 -21.13 6.93
C TYR A 449 22.34 -20.81 7.85
N THR A 450 22.44 -19.54 8.23
CA THR A 450 23.51 -19.02 9.05
C THR A 450 23.02 -18.60 10.43
N GLY A 451 21.88 -19.12 10.86
CA GLY A 451 21.28 -18.69 12.12
C GLY A 451 19.92 -19.35 12.24
N PRO A 452 19.33 -19.38 13.45
CA PRO A 452 17.98 -19.95 13.63
C PRO A 452 16.84 -19.09 13.04
N ALA A 453 15.69 -19.72 12.90
CA ALA A 453 14.48 -19.09 12.48
C ALA A 453 14.00 -18.18 13.60
N VAL A 454 13.66 -16.95 13.24
CA VAL A 454 13.18 -15.90 14.14
C VAL A 454 11.69 -15.71 13.88
N PRO A 455 10.87 -15.92 14.91
CA PRO A 455 9.46 -15.71 14.69
C PRO A 455 9.17 -14.22 14.55
N PRO A 456 7.99 -13.90 14.00
CA PRO A 456 7.76 -12.47 13.77
C PRO A 456 7.66 -11.64 15.08
N PRO A 457 7.94 -10.34 14.99
CA PRO A 457 7.61 -9.46 16.09
C PRO A 457 6.10 -9.37 16.30
N PRO A 458 5.70 -8.91 17.49
CA PRO A 458 4.25 -8.88 17.76
C PRO A 458 3.41 -8.21 16.66
N SER A 459 3.91 -7.10 16.10
CA SER A 459 3.30 -6.41 14.96
C SER A 459 2.83 -7.35 13.81
N GLU A 460 3.58 -8.41 13.60
CA GLU A 460 3.33 -9.38 12.51
C GLU A 460 2.77 -10.74 12.96
N LYS A 461 2.18 -10.79 14.15
CA LYS A 461 1.59 -12.04 14.64
C LYS A 461 0.11 -12.16 14.31
N GLY A 462 -0.49 -11.15 13.68
CA GLY A 462 -1.90 -11.27 13.25
C GLY A 462 -1.97 -11.59 11.76
N TRP A 463 -2.64 -10.75 10.99
CA TRP A 463 -2.84 -11.04 9.60
C TRP A 463 -2.25 -9.92 8.78
N LYS A 464 -1.44 -10.33 7.81
CA LYS A 464 -0.78 -9.46 6.85
C LYS A 464 -1.20 -9.77 5.40
N ASP A 465 -1.09 -8.74 4.53
CA ASP A 465 -1.17 -8.96 3.07
C ASP A 465 -0.03 -8.37 2.28
N THR A 466 0.80 -7.58 2.97
CA THR A 466 1.97 -6.98 2.38
C THR A 466 3.08 -7.07 3.44
N ILE A 467 4.19 -7.69 3.08
CA ILE A 467 5.13 -8.18 4.04
C ILE A 467 6.53 -7.92 3.57
N GLN A 468 7.38 -7.40 4.44
CA GLN A 468 8.77 -7.11 4.09
C GLN A 468 9.63 -8.37 4.11
N ALA A 469 10.19 -8.68 2.96
CA ALA A 469 11.11 -9.77 2.84
C ALA A 469 12.49 -9.14 2.78
N HIS A 470 13.22 -9.19 3.89
CA HIS A 470 14.54 -8.53 3.96
C HIS A 470 15.60 -9.32 3.22
N ALA A 471 16.66 -8.59 2.91
CA ALA A 471 17.81 -9.14 2.21
C ALA A 471 18.53 -10.21 3.05
N GLY A 472 18.97 -11.27 2.38
CA GLY A 472 19.68 -12.34 3.05
C GLY A 472 18.81 -13.19 3.92
N GLU A 473 17.48 -13.14 3.72
CA GLU A 473 16.60 -13.96 4.55
C GLU A 473 15.61 -14.77 3.73
N VAL A 474 15.21 -15.88 4.33
CA VAL A 474 14.11 -16.65 3.84
C VAL A 474 12.92 -16.27 4.74
N LEU A 475 11.84 -15.82 4.12
CA LEU A 475 10.64 -15.45 4.85
C LEU A 475 9.58 -16.51 4.63
N ARG A 476 8.92 -16.97 5.67
CA ARG A 476 7.86 -17.95 5.46
C ARG A 476 6.51 -17.40 5.91
N ILE A 477 5.51 -17.57 5.07
CA ILE A 477 4.15 -17.15 5.35
C ILE A 477 3.23 -18.30 5.07
N ALA A 478 2.02 -18.24 5.62
CA ALA A 478 1.01 -19.28 5.40
C ALA A 478 -0.31 -18.62 5.08
N ALA A 479 -0.99 -19.13 4.05
CA ALA A 479 -2.28 -18.55 3.64
C ALA A 479 -3.26 -19.62 3.26
N THR A 480 -4.52 -19.40 3.53
CA THR A 480 -5.57 -20.25 3.02
C THR A 480 -6.19 -19.55 1.83
N PHE A 481 -6.20 -20.25 0.70
CA PHE A 481 -6.58 -19.61 -0.56
C PHE A 481 -8.07 -19.71 -0.84
N GLY A 482 -8.76 -18.59 -0.64
CA GLY A 482 -10.20 -18.56 -0.80
C GLY A 482 -10.72 -17.24 -0.25
N PRO A 483 -12.04 -17.11 -0.18
CA PRO A 483 -13.04 -18.08 -0.52
C PRO A 483 -13.34 -18.16 -2.03
N TYR A 484 -12.78 -17.27 -2.86
CA TYR A 484 -13.03 -17.25 -4.32
C TYR A 484 -11.89 -17.94 -5.07
N SER A 485 -12.21 -18.57 -6.19
CA SER A 485 -11.22 -19.02 -7.18
C SER A 485 -11.09 -17.98 -8.29
N GLY A 486 -10.00 -18.07 -9.04
CA GLY A 486 -9.81 -17.34 -10.25
C GLY A 486 -8.40 -16.83 -10.44
N ARG A 487 -8.30 -15.79 -11.25
CA ARG A 487 -7.04 -15.26 -11.68
C ARG A 487 -6.70 -13.94 -10.91
N TYR A 488 -5.68 -14.02 -10.07
CA TYR A 488 -5.23 -12.92 -9.20
C TYR A 488 -3.75 -12.71 -9.47
N VAL A 489 -3.03 -12.00 -8.60
CA VAL A 489 -1.62 -11.74 -8.80
C VAL A 489 -0.92 -11.72 -7.43
N TRP A 490 0.41 -11.84 -7.44
CA TRP A 490 1.23 -11.48 -6.29
C TRP A 490 2.43 -10.70 -6.82
N HIS A 491 3.02 -9.83 -6.05
CA HIS A 491 4.06 -8.95 -6.57
C HIS A 491 4.76 -8.15 -5.52
N CYS A 492 5.88 -7.58 -5.92
CA CYS A 492 6.57 -6.60 -5.09
C CYS A 492 5.77 -5.33 -5.19
N HIS A 493 5.70 -4.59 -4.08
CA HIS A 493 4.92 -3.39 -4.04
C HIS A 493 5.79 -2.13 -4.06
N ILE A 494 7.07 -2.28 -4.34
CA ILE A 494 7.82 -1.14 -4.82
C ILE A 494 7.39 -1.01 -6.28
N LEU A 495 6.67 0.07 -6.61
CA LEU A 495 5.98 0.15 -7.89
C LEU A 495 6.92 0.10 -9.06
N GLU A 496 8.09 0.68 -8.89
CA GLU A 496 9.13 0.68 -9.90
C GLU A 496 9.62 -0.76 -10.17
N HIS A 497 9.55 -1.63 -9.16
CA HIS A 497 9.84 -3.04 -9.42
C HIS A 497 8.64 -3.75 -10.03
N GLU A 498 7.45 -3.48 -9.48
CA GLU A 498 6.23 -4.11 -9.96
C GLU A 498 6.09 -3.97 -11.48
N ASP A 499 6.46 -2.81 -12.01
CA ASP A 499 6.24 -2.57 -13.43
C ASP A 499 7.28 -3.22 -14.36
N TYR A 500 8.40 -3.68 -13.81
CA TYR A 500 9.46 -4.23 -14.63
C TYR A 500 10.40 -5.12 -13.79
N ASP A 501 9.97 -6.36 -13.52
CA ASP A 501 8.70 -6.95 -13.92
C ASP A 501 8.29 -7.90 -12.78
N MET A 502 8.31 -7.35 -11.56
CA MET A 502 8.30 -8.19 -10.37
C MET A 502 6.87 -8.42 -9.93
N MET A 503 6.13 -9.05 -10.84
CA MET A 503 4.71 -9.36 -10.67
C MET A 503 4.40 -10.64 -11.47
N ARG A 504 3.61 -11.52 -10.90
CA ARG A 504 3.26 -12.77 -11.52
C ARG A 504 1.78 -13.03 -11.30
N PRO A 505 1.15 -13.73 -12.25
CA PRO A 505 -0.18 -14.22 -12.03
C PRO A 505 -0.27 -15.26 -10.91
N MET A 506 -1.42 -15.32 -10.26
CA MET A 506 -1.65 -16.30 -9.20
C MET A 506 -3.05 -16.84 -9.46
N ASP A 507 -3.12 -18.10 -9.90
CA ASP A 507 -4.40 -18.76 -10.26
C ASP A 507 -4.86 -19.60 -9.12
N ILE A 508 -6.03 -19.30 -8.58
CA ILE A 508 -6.57 -20.11 -7.51
C ILE A 508 -7.61 -21.01 -8.17
N THR A 509 -7.36 -22.33 -8.19
CA THR A 509 -8.14 -23.26 -9.03
C THR A 509 -9.27 -23.94 -8.30
N ASP A 510 -10.28 -24.35 -9.06
CA ASP A 510 -11.40 -25.13 -8.52
C ASP A 510 -11.60 -26.43 -9.33
N PRO A 511 -11.29 -27.62 -8.76
CA PRO A 511 -11.46 -28.90 -9.49
C PRO A 511 -12.85 -29.53 -9.38
#